data_6J03
#
_entry.id   6J03
#
_cell.length_a   54.779
_cell.length_b   54.779
_cell.length_c   152.416
_cell.angle_alpha   90.000
_cell.angle_beta   90.000
_cell.angle_gamma   120.000
#
_symmetry.space_group_name_H-M   'P 31 2 1'
#
loop_
_entity.id
_entity.type
_entity.pdbx_description
1 polymer '12-epi-hapalindole U synthase'
2 non-polymer amino({3-[(3S,8aS)-1,4-dioxooctahydropyrrolo[1,2-a]pyrazin-3-yl]propyl}amino)methaniminium
3 non-polymer 'CALCIUM ION'
4 water water
#
_entity_poly.entity_id   1
_entity_poly.type   'polypeptide(L)'
_entity_poly.pdbx_seq_one_letter_code
;SAVSIPINNAGFENPFMDVVDDYTIDTPPGWTTYDPNNLVPEKRTTWTSNNGVGYVGPGTQFYNQLAPEGRNIGYIYLSQ
NPGSGVAGFEQCLDATLEPDTKYTLTVDVGALAGTFKGLSFAGFPGYRVELLAGDTVLAADHNNLFIKEGEFKTSTVTYT
STAKDLHLGQKLGIRLVNLLQDKFSGLDFDNVRLTTEPTE
;
_entity_poly.pdbx_strand_id   A
#
loop_
_chem_comp.id
_chem_comp.type
_chem_comp.name
_chem_comp.formula
0HZ peptide-like amino({3-[(3S,8aS)-1,4-dioxooctahydropyrrolo[1,2-a]pyrazin-3-yl]propyl}amino)methaniminium 'C11 H20 N5 O2 1'
CA non-polymer 'CALCIUM ION' 'Ca 2'
#
# COMPACT_ATOMS: atom_id res chain seq x y z
N SER A 1 10.57 8.97 21.23
CA SER A 1 11.69 7.99 21.36
C SER A 1 11.81 7.15 20.08
N ALA A 2 10.68 6.84 19.43
CA ALA A 2 10.72 6.14 18.13
C ALA A 2 11.24 7.09 17.06
N VAL A 3 12.15 6.61 16.23
CA VAL A 3 12.80 7.38 15.15
C VAL A 3 12.17 6.97 13.83
N SER A 4 11.84 7.94 12.97
CA SER A 4 11.25 7.65 11.63
CA SER A 4 11.26 7.65 11.63
CA SER A 4 11.26 7.62 11.65
C SER A 4 12.37 7.24 10.67
N ILE A 5 12.11 6.22 9.87
CA ILE A 5 12.96 5.84 8.72
C ILE A 5 12.32 6.48 7.50
N PRO A 6 13.06 7.29 6.73
CA PRO A 6 12.45 7.97 5.60
C PRO A 6 12.02 6.97 4.52
N ILE A 7 10.88 7.25 3.91
CA ILE A 7 10.32 6.42 2.84
C ILE A 7 10.15 7.30 1.61
N ASN A 8 10.59 6.82 0.44
CA ASN A 8 10.44 7.62 -0.79
C ASN A 8 8.98 7.63 -1.24
N ASN A 9 8.48 8.81 -1.61
CA ASN A 9 7.10 9.00 -2.11
C ASN A 9 6.13 8.30 -1.15
N ALA A 10 6.25 8.60 0.13
CA ALA A 10 5.58 7.88 1.22
C ALA A 10 4.06 8.11 1.19
N GLY A 11 3.62 9.22 0.59
CA GLY A 11 2.20 9.59 0.56
C GLY A 11 1.64 9.53 -0.85
N PHE A 12 2.37 8.96 -1.80
CA PHE A 12 1.92 8.86 -3.21
C PHE A 12 1.59 10.26 -3.74
N GLU A 13 2.30 11.27 -3.26
CA GLU A 13 2.03 12.67 -3.66
C GLU A 13 2.66 12.99 -5.01
N ASN A 14 3.55 12.13 -5.47
CA ASN A 14 4.23 12.27 -6.77
C ASN A 14 3.74 11.15 -7.67
N PRO A 15 3.20 11.42 -8.87
CA PRO A 15 3.14 12.76 -9.47
C PRO A 15 1.99 13.64 -8.95
N PHE A 16 2.18 14.94 -9.10
CA PHE A 16 1.17 15.96 -8.79
C PHE A 16 0.02 15.86 -9.80
N MET A 17 -1.21 15.90 -9.31
CA MET A 17 -2.43 15.79 -10.13
C MET A 17 -3.21 17.10 -10.02
N ASP A 18 -3.72 17.59 -11.15
CA ASP A 18 -4.42 18.89 -11.18
C ASP A 18 -5.92 18.76 -10.91
N VAL A 19 -6.55 17.67 -11.33
CA VAL A 19 -8.03 17.56 -11.37
C VAL A 19 -8.50 16.47 -10.39
N VAL A 20 -9.39 16.80 -9.48
CA VAL A 20 -9.92 15.82 -8.49
C VAL A 20 -10.52 14.64 -9.24
N ASP A 21 -10.18 13.44 -8.77
CA ASP A 21 -10.62 12.14 -9.29
C ASP A 21 -9.83 11.77 -10.55
N ASP A 22 -8.85 12.57 -10.98
CA ASP A 22 -7.94 12.07 -12.02
C ASP A 22 -6.95 11.09 -11.38
N TYR A 23 -6.33 10.28 -12.22
CA TYR A 23 -5.44 9.21 -11.78
C TYR A 23 -4.39 8.92 -12.85
N THR A 24 -3.26 8.37 -12.42
CA THR A 24 -2.27 7.79 -13.32
C THR A 24 -2.43 6.29 -13.35
N ILE A 25 -1.81 5.66 -14.33
CA ILE A 25 -1.86 4.18 -14.49
C ILE A 25 -0.45 3.62 -14.57
N ASP A 26 0.56 4.41 -14.17
CA ASP A 26 1.95 3.92 -14.18
C ASP A 26 2.48 3.87 -12.74
N THR A 27 3.38 2.95 -12.48
CA THR A 27 3.94 2.77 -11.13
C THR A 27 4.39 4.12 -10.61
N PRO A 28 3.96 4.53 -9.39
CA PRO A 28 4.45 5.79 -8.83
C PRO A 28 5.95 5.69 -8.55
N PRO A 29 6.71 6.78 -8.73
CA PRO A 29 8.12 6.75 -8.40
C PRO A 29 8.33 6.49 -6.90
N GLY A 30 9.45 5.89 -6.56
CA GLY A 30 9.77 5.49 -5.18
C GLY A 30 9.36 4.06 -4.92
N TRP A 31 8.47 3.53 -5.75
CA TRP A 31 7.86 2.20 -5.55
C TRP A 31 8.11 1.33 -6.77
N THR A 32 8.01 0.03 -6.61
CA THR A 32 7.95 -0.89 -7.76
C THR A 32 6.64 -1.65 -7.70
N THR A 33 6.26 -2.22 -8.82
CA THR A 33 5.07 -3.09 -8.89
C THR A 33 5.44 -4.50 -8.43
N TYR A 34 4.83 -4.93 -7.33
CA TYR A 34 4.95 -6.31 -6.80
C TYR A 34 3.91 -7.16 -7.55
N ASP A 35 4.37 -8.14 -8.32
CA ASP A 35 3.49 -8.84 -9.27
C ASP A 35 3.97 -10.27 -9.43
N PRO A 36 3.91 -11.07 -8.35
CA PRO A 36 4.45 -12.43 -8.38
C PRO A 36 3.72 -13.39 -9.35
N ASN A 37 2.47 -13.07 -9.67
CA ASN A 37 1.61 -13.93 -10.51
C ASN A 37 1.42 -13.31 -11.90
N ASN A 38 2.18 -12.27 -12.24
CA ASN A 38 2.19 -11.65 -13.60
CA ASN A 38 2.19 -11.68 -13.60
C ASN A 38 0.76 -11.27 -14.01
N LEU A 39 0.12 -10.45 -13.18
CA LEU A 39 -1.25 -9.96 -13.45
C LEU A 39 -1.21 -8.59 -14.14
N VAL A 40 -0.12 -7.85 -14.03
CA VAL A 40 -0.10 -6.42 -14.43
C VAL A 40 0.70 -6.28 -15.70
N PRO A 41 0.10 -5.72 -16.77
CA PRO A 41 0.84 -5.53 -18.02
C PRO A 41 1.91 -4.44 -17.94
N GLU A 42 3.03 -4.65 -18.63
CA GLU A 42 4.11 -3.63 -18.72
C GLU A 42 3.58 -2.39 -19.45
N LYS A 43 2.83 -2.60 -20.54
CA LYS A 43 2.11 -1.52 -21.29
C LYS A 43 0.74 -1.27 -20.64
N ARG A 44 0.64 -0.20 -19.88
CA ARG A 44 -0.54 0.08 -19.04
C ARG A 44 -1.67 0.69 -19.87
N THR A 45 -2.89 0.31 -19.52
CA THR A 45 -4.11 0.94 -20.03
C THR A 45 -5.09 1.08 -18.87
N THR A 46 -6.00 2.01 -18.98
CA THR A 46 -7.15 2.06 -18.08
C THR A 46 -7.99 0.79 -18.27
N TRP A 47 -8.70 0.40 -17.23
CA TRP A 47 -9.71 -0.70 -17.25
C TRP A 47 -9.04 -2.07 -17.33
N THR A 48 -7.74 -2.14 -17.18
CA THR A 48 -6.97 -3.38 -17.00
C THR A 48 -6.14 -3.26 -15.73
N SER A 49 -5.49 -4.34 -15.31
CA SER A 49 -4.78 -4.32 -14.03
C SER A 49 -3.70 -3.23 -14.09
N ASN A 50 -3.66 -2.39 -13.05
CA ASN A 50 -2.74 -1.25 -13.07
C ASN A 50 -2.58 -0.74 -11.65
N ASN A 51 -1.68 0.20 -11.51
CA ASN A 51 -1.49 0.93 -10.25
C ASN A 51 -1.05 2.34 -10.60
N GLY A 52 -1.03 3.21 -9.62
CA GLY A 52 -0.81 4.63 -9.88
C GLY A 52 -1.23 5.47 -8.70
N VAL A 53 -1.43 6.75 -8.94
CA VAL A 53 -1.91 7.67 -7.90
C VAL A 53 -3.28 8.20 -8.31
N GLY A 54 -4.06 8.58 -7.31
CA GLY A 54 -5.37 9.23 -7.54
C GLY A 54 -5.55 10.43 -6.63
N TYR A 55 -6.07 11.52 -7.19
CA TYR A 55 -6.27 12.79 -6.46
C TYR A 55 -7.62 12.73 -5.74
N VAL A 56 -7.57 12.55 -4.43
CA VAL A 56 -8.78 12.50 -3.56
C VAL A 56 -8.91 13.84 -2.85
N GLY A 57 -9.50 14.79 -3.53
CA GLY A 57 -9.62 16.17 -3.03
C GLY A 57 -11.06 16.63 -2.96
N PRO A 58 -11.27 17.92 -2.64
CA PRO A 58 -12.60 18.47 -2.48
C PRO A 58 -13.45 18.15 -3.71
N GLY A 59 -14.68 17.69 -3.48
CA GLY A 59 -15.63 17.39 -4.56
C GLY A 59 -15.45 16.00 -5.12
N THR A 60 -14.59 15.16 -4.53
CA THR A 60 -14.45 13.77 -5.03
C THR A 60 -15.84 13.13 -5.07
N GLN A 61 -16.10 12.32 -6.11
CA GLN A 61 -17.39 11.64 -6.26
C GLN A 61 -17.32 10.23 -5.66
N PHE A 62 -16.17 9.79 -5.15
CA PHE A 62 -15.97 8.35 -4.87
C PHE A 62 -15.46 8.08 -3.46
N TYR A 63 -15.36 9.12 -2.64
CA TYR A 63 -14.93 8.94 -1.24
C TYR A 63 -15.79 9.79 -0.31
N ASN A 64 -15.77 9.42 0.97
CA ASN A 64 -16.51 10.13 2.06
C ASN A 64 -15.51 10.91 2.91
N GLN A 65 -14.29 11.07 2.42
CA GLN A 65 -13.23 11.85 3.08
C GLN A 65 -12.22 12.29 2.03
N LEU A 66 -11.33 13.19 2.41
CA LEU A 66 -10.15 13.53 1.58
C LEU A 66 -9.13 12.39 1.71
N ALA A 67 -8.08 12.46 0.93
CA ALA A 67 -6.92 11.57 1.12
C ALA A 67 -6.53 11.63 2.59
N PRO A 68 -6.03 10.52 3.17
CA PRO A 68 -5.54 10.58 4.54
C PRO A 68 -4.46 11.66 4.70
N GLU A 69 -3.64 11.81 3.67
CA GLU A 69 -2.48 12.73 3.71
C GLU A 69 -2.37 13.40 2.34
N GLY A 70 -2.17 14.72 2.35
CA GLY A 70 -1.91 15.44 1.10
C GLY A 70 -3.08 15.34 0.14
N ARG A 71 -2.77 15.30 -1.14
CA ARG A 71 -3.76 15.32 -2.25
C ARG A 71 -4.11 13.89 -2.65
N ASN A 72 -3.13 12.99 -2.65
CA ASN A 72 -3.23 11.74 -3.43
C ASN A 72 -3.24 10.51 -2.55
N ILE A 73 -3.80 9.44 -3.10
CA ILE A 73 -3.59 8.07 -2.60
C ILE A 73 -2.86 7.28 -3.68
N GLY A 74 -2.34 6.13 -3.30
CA GLY A 74 -1.82 5.14 -4.26
C GLY A 74 -2.80 3.99 -4.37
N TYR A 75 -3.07 3.52 -5.57
CA TYR A 75 -4.07 2.44 -5.73
C TYR A 75 -3.47 1.28 -6.50
N ILE A 76 -4.05 0.10 -6.29
CA ILE A 76 -3.77 -1.11 -7.09
C ILE A 76 -5.12 -1.66 -7.52
N TYR A 77 -5.34 -1.73 -8.82
CA TYR A 77 -6.59 -2.27 -9.39
C TYR A 77 -6.26 -3.53 -10.16
N LEU A 78 -6.93 -4.62 -9.82
CA LEU A 78 -6.72 -5.88 -10.55
C LEU A 78 -8.05 -6.28 -11.23
N SER A 79 -7.98 -6.54 -12.51
CA SER A 79 -9.23 -6.87 -13.25
C SER A 79 -9.42 -8.38 -13.36
N GLN A 80 -8.42 -9.16 -12.95
CA GLN A 80 -8.56 -10.64 -12.97
C GLN A 80 -9.59 -11.07 -11.92
N ASN A 81 -10.07 -12.29 -12.08
CA ASN A 81 -11.09 -12.79 -11.14
C ASN A 81 -10.47 -13.13 -9.80
N PRO A 82 -11.25 -13.04 -8.72
CA PRO A 82 -10.75 -13.44 -7.40
C PRO A 82 -10.07 -14.81 -7.46
N GLY A 83 -8.98 -14.93 -6.71
CA GLY A 83 -8.20 -16.17 -6.63
C GLY A 83 -7.03 -16.19 -7.60
N SER A 84 -6.88 -15.18 -8.47
CA SER A 84 -5.89 -15.24 -9.56
C SER A 84 -4.47 -14.92 -9.06
N GLY A 85 -4.34 -14.39 -7.85
CA GLY A 85 -3.02 -14.03 -7.31
C GLY A 85 -3.08 -12.77 -6.50
N VAL A 86 -1.94 -12.21 -6.18
CA VAL A 86 -1.86 -10.96 -5.37
C VAL A 86 -0.89 -10.03 -6.09
N ALA A 87 -1.05 -8.73 -5.90
CA ALA A 87 -0.15 -7.75 -6.51
C ALA A 87 -0.24 -6.46 -5.70
N GLY A 88 0.76 -5.60 -5.84
CA GLY A 88 0.69 -4.30 -5.19
C GLY A 88 1.95 -3.49 -5.38
N PHE A 89 2.34 -2.79 -4.33
CA PHE A 89 3.53 -1.91 -4.32
C PHE A 89 4.61 -2.54 -3.46
N GLU A 90 5.86 -2.36 -3.85
CA GLU A 90 7.00 -2.75 -3.00
C GLU A 90 7.98 -1.57 -2.93
N GLN A 91 8.60 -1.37 -1.78
CA GLN A 91 9.71 -0.42 -1.69
C GLN A 91 10.76 -1.06 -0.78
N CYS A 92 11.94 -1.25 -1.33
CA CYS A 92 13.11 -1.73 -0.54
CA CYS A 92 13.09 -1.74 -0.56
C CYS A 92 13.94 -0.53 -0.08
N LEU A 93 14.15 -0.44 1.22
CA LEU A 93 14.79 0.72 1.88
C LEU A 93 16.30 0.49 1.98
N ASP A 94 17.06 1.57 2.14
CA ASP A 94 18.52 1.44 2.42
C ASP A 94 18.73 0.97 3.87
N ALA A 95 17.79 1.28 4.76
CA ALA A 95 17.87 0.91 6.20
C ALA A 95 17.92 -0.61 6.30
N THR A 96 18.67 -1.13 7.27
CA THR A 96 18.83 -2.59 7.45
C THR A 96 18.32 -3.01 8.82
N LEU A 97 17.99 -4.29 8.95
CA LEU A 97 17.46 -4.82 10.22
C LEU A 97 18.55 -4.76 11.29
N GLU A 98 18.22 -4.14 12.42
CA GLU A 98 19.13 -3.96 13.57
C GLU A 98 18.65 -4.83 14.71
N PRO A 99 19.56 -5.25 15.61
CA PRO A 99 19.21 -6.12 16.71
C PRO A 99 18.48 -5.37 17.83
N ASP A 100 17.66 -6.10 18.58
CA ASP A 100 16.93 -5.58 19.77
C ASP A 100 16.24 -4.26 19.40
N THR A 101 15.44 -4.29 18.35
CA THR A 101 14.75 -3.10 17.82
C THR A 101 13.30 -3.45 17.53
N LYS A 102 12.38 -2.58 17.93
CA LYS A 102 10.96 -2.70 17.56
C LYS A 102 10.67 -1.79 16.37
N TYR A 103 10.14 -2.39 15.31
CA TYR A 103 9.74 -1.69 14.07
C TYR A 103 8.24 -1.52 14.09
N THR A 104 7.75 -0.33 13.72
CA THR A 104 6.31 -0.05 13.63
C THR A 104 6.00 0.53 12.25
N LEU A 105 5.34 -0.26 11.42
CA LEU A 105 4.95 0.13 10.06
C LEU A 105 3.48 0.50 10.08
N THR A 106 3.15 1.73 9.68
CA THR A 106 1.75 2.20 9.68
C THR A 106 1.40 2.71 8.31
N VAL A 107 0.21 2.38 7.85
CA VAL A 107 -0.27 2.80 6.52
CA VAL A 107 -0.28 2.72 6.49
C VAL A 107 -1.79 2.88 6.57
N ASP A 108 -2.34 3.87 5.88
CA ASP A 108 -3.80 4.00 5.76
C ASP A 108 -4.26 3.18 4.55
N VAL A 109 -5.35 2.45 4.73
CA VAL A 109 -5.92 1.55 3.70
C VAL A 109 -7.34 1.99 3.43
N GLY A 110 -7.73 2.05 2.16
CA GLY A 110 -9.09 2.49 1.81
C GLY A 110 -9.53 1.89 0.50
N ALA A 111 -10.65 2.35 -0.02
CA ALA A 111 -11.13 1.89 -1.32
C ALA A 111 -12.19 2.87 -1.83
N LEU A 112 -12.41 2.82 -3.13
CA LEU A 112 -13.47 3.58 -3.80
C LEU A 112 -14.85 3.24 -3.23
N ALA A 113 -15.76 4.18 -3.35
CA ALA A 113 -17.21 3.97 -3.12
C ALA A 113 -17.98 4.28 -4.41
N GLY A 114 -19.10 3.61 -4.58
CA GLY A 114 -20.06 3.97 -5.62
C GLY A 114 -19.91 3.09 -6.84
N THR A 115 -20.07 3.69 -8.01
CA THR A 115 -20.03 2.99 -9.31
CA THR A 115 -20.07 3.00 -9.31
C THR A 115 -19.43 3.93 -10.35
N PHE A 116 -18.99 3.37 -11.47
CA PHE A 116 -18.44 4.20 -12.57
C PHE A 116 -18.71 3.48 -13.88
N LYS A 117 -19.59 4.08 -14.70
CA LYS A 117 -19.84 3.64 -16.08
C LYS A 117 -20.17 2.14 -16.09
N GLY A 118 -20.96 1.68 -15.12
CA GLY A 118 -21.45 0.30 -15.13
C GLY A 118 -20.64 -0.64 -14.26
N LEU A 119 -19.48 -0.22 -13.77
CA LEU A 119 -18.63 -1.05 -12.88
C LEU A 119 -18.88 -0.63 -11.43
N SER A 120 -19.35 -1.55 -10.62
CA SER A 120 -19.65 -1.31 -9.19
C SER A 120 -18.36 -1.28 -8.39
N PHE A 121 -18.26 -0.36 -7.44
CA PHE A 121 -17.14 -0.31 -6.47
C PHE A 121 -17.54 -0.96 -5.16
N ALA A 122 -18.70 -1.62 -5.12
CA ALA A 122 -19.11 -2.35 -3.89
C ALA A 122 -18.17 -3.53 -3.71
N GLY A 123 -17.83 -3.84 -2.47
CA GLY A 123 -16.95 -4.99 -2.19
C GLY A 123 -15.50 -4.59 -2.09
N PHE A 124 -14.68 -5.52 -1.64
CA PHE A 124 -13.28 -5.22 -1.26
C PHE A 124 -12.46 -6.48 -1.49
N PRO A 125 -11.21 -6.37 -1.99
CA PRO A 125 -10.45 -7.57 -2.35
C PRO A 125 -9.65 -8.16 -1.19
N GLY A 126 -9.58 -7.44 -0.08
CA GLY A 126 -8.62 -7.77 0.98
C GLY A 126 -7.28 -7.11 0.79
N TYR A 127 -6.64 -6.71 1.87
CA TYR A 127 -5.31 -6.08 1.83
C TYR A 127 -4.33 -6.87 2.69
N ARG A 128 -3.05 -6.70 2.39
CA ARG A 128 -2.00 -7.14 3.32
C ARG A 128 -0.89 -6.10 3.32
N VAL A 129 -0.49 -5.68 4.50
CA VAL A 129 0.66 -4.76 4.68
C VAL A 129 1.81 -5.57 5.26
N GLU A 130 2.96 -5.55 4.61
CA GLU A 130 4.11 -6.43 4.97
C GLU A 130 5.32 -5.58 5.30
N LEU A 131 6.04 -5.97 6.36
CA LEU A 131 7.41 -5.50 6.63
C LEU A 131 8.37 -6.63 6.28
N LEU A 132 9.37 -6.33 5.48
CA LEU A 132 10.34 -7.33 4.97
C LEU A 132 11.71 -7.06 5.58
N ALA A 133 12.52 -8.12 5.65
CA ALA A 133 13.98 -8.03 5.66
C ALA A 133 14.45 -8.95 4.54
N GLY A 134 15.20 -8.43 3.58
CA GLY A 134 15.52 -9.24 2.39
C GLY A 134 14.22 -9.70 1.74
N ASP A 135 14.06 -10.99 1.52
CA ASP A 135 12.80 -11.49 0.91
C ASP A 135 11.92 -12.17 1.97
N THR A 136 12.22 -11.96 3.24
CA THR A 136 11.43 -12.55 4.35
C THR A 136 10.38 -11.56 4.82
N VAL A 137 9.14 -12.01 4.95
CA VAL A 137 8.07 -11.20 5.58
C VAL A 137 8.22 -11.34 7.10
N LEU A 138 8.80 -10.33 7.74
CA LEU A 138 8.99 -10.33 9.21
C LEU A 138 7.62 -10.31 9.90
N ALA A 139 6.72 -9.46 9.44
CA ALA A 139 5.42 -9.22 10.08
C ALA A 139 4.47 -8.70 9.03
N ALA A 140 3.19 -9.03 9.16
CA ALA A 140 2.18 -8.54 8.22
C ALA A 140 0.82 -8.49 8.88
N ASP A 141 0.04 -7.49 8.46
CA ASP A 141 -1.40 -7.40 8.76
C ASP A 141 -2.15 -7.90 7.55
N HIS A 142 -2.61 -9.13 7.58
CA HIS A 142 -3.43 -9.70 6.48
C HIS A 142 -4.91 -9.41 6.77
N ASN A 143 -5.38 -8.25 6.33
CA ASN A 143 -6.83 -7.98 6.18
C ASN A 143 -7.58 -7.95 7.51
N ASN A 144 -7.00 -7.45 8.60
CA ASN A 144 -7.70 -7.50 9.91
C ASN A 144 -8.70 -6.34 10.07
N LEU A 145 -8.51 -5.24 9.33
CA LEU A 145 -9.41 -4.08 9.46
C LEU A 145 -10.53 -4.19 8.44
N PHE A 146 -11.73 -3.79 8.83
CA PHE A 146 -12.87 -3.70 7.89
C PHE A 146 -12.77 -2.36 7.15
N ILE A 147 -12.57 -2.41 5.83
CA ILE A 147 -12.36 -1.22 4.99
C ILE A 147 -13.68 -0.89 4.29
N LYS A 148 -14.35 0.15 4.77
CA LYS A 148 -15.67 0.59 4.25
C LYS A 148 -15.49 1.38 2.95
N GLU A 149 -16.43 1.25 2.02
CA GLU A 149 -16.44 2.02 0.75
C GLU A 149 -16.16 3.50 1.06
N GLY A 150 -15.19 4.08 0.37
CA GLY A 150 -14.93 5.53 0.37
C GLY A 150 -14.27 6.01 1.65
N GLU A 151 -13.74 5.12 2.49
CA GLU A 151 -13.16 5.51 3.80
C GLU A 151 -11.82 4.80 4.00
N PHE A 152 -10.99 5.36 4.89
CA PHE A 152 -9.67 4.80 5.20
C PHE A 152 -9.58 4.43 6.69
N LYS A 153 -8.79 3.40 6.97
CA LYS A 153 -8.40 3.02 8.35
C LYS A 153 -6.88 2.83 8.39
N THR A 154 -6.29 2.95 9.56
CA THR A 154 -4.84 2.79 9.73
C THR A 154 -4.53 1.37 10.13
N SER A 155 -3.68 0.72 9.33
CA SER A 155 -3.07 -0.59 9.62
C SER A 155 -1.76 -0.38 10.37
N THR A 156 -1.51 -1.19 11.40
CA THR A 156 -0.24 -1.17 12.15
C THR A 156 0.36 -2.57 12.09
N VAL A 157 1.61 -2.62 11.69
CA VAL A 157 2.42 -3.86 11.59
C VAL A 157 3.64 -3.66 12.47
N THR A 158 3.95 -4.65 13.31
CA THR A 158 5.08 -4.53 14.25
C THR A 158 5.97 -5.75 14.15
N TYR A 159 7.26 -5.55 14.30
CA TYR A 159 8.23 -6.65 14.42
C TYR A 159 9.27 -6.25 15.45
N THR A 160 9.62 -7.18 16.32
CA THR A 160 10.74 -7.01 17.25
C THR A 160 11.85 -8.00 16.90
N SER A 161 13.05 -7.48 16.66
CA SER A 161 14.24 -8.32 16.37
C SER A 161 14.87 -8.76 17.69
N THR A 162 15.71 -9.78 17.61
CA THR A 162 16.59 -10.22 18.72
C THR A 162 18.03 -9.81 18.42
N ALA A 163 18.96 -10.11 19.34
CA ALA A 163 20.40 -9.87 19.12
C ALA A 163 20.96 -10.88 18.11
N LYS A 164 20.26 -11.99 17.82
CA LYS A 164 20.80 -13.04 16.92
C LYS A 164 19.88 -13.29 15.72
N ASP A 165 19.04 -12.33 15.38
CA ASP A 165 18.07 -12.51 14.27
C ASP A 165 18.82 -12.99 13.04
N LEU A 166 18.29 -14.01 12.36
CA LEU A 166 18.89 -14.56 11.13
C LEU A 166 19.03 -13.42 10.10
N HIS A 167 18.10 -12.46 10.10
CA HIS A 167 18.00 -11.48 8.99
C HIS A 167 18.71 -10.16 9.34
N LEU A 168 19.47 -10.10 10.43
CA LEU A 168 20.20 -8.85 10.78
C LEU A 168 21.05 -8.41 9.57
N GLY A 169 21.02 -7.12 9.27
CA GLY A 169 21.87 -6.53 8.23
C GLY A 169 21.22 -6.58 6.86
N GLN A 170 20.10 -7.29 6.70
CA GLN A 170 19.38 -7.31 5.41
C GLN A 170 18.54 -6.03 5.28
N LYS A 171 18.32 -5.60 4.06
CA LYS A 171 17.55 -4.37 3.77
C LYS A 171 16.10 -4.56 4.22
N LEU A 172 15.56 -3.57 4.91
CA LEU A 172 14.13 -3.52 5.23
C LEU A 172 13.35 -3.23 3.96
N GLY A 173 12.12 -3.69 3.93
CA GLY A 173 11.24 -3.43 2.80
C GLY A 173 9.81 -3.34 3.23
N ILE A 174 8.98 -2.78 2.36
CA ILE A 174 7.52 -2.61 2.61
C ILE A 174 6.79 -3.17 1.40
N ARG A 175 5.76 -3.97 1.63
CA ARG A 175 4.81 -4.29 0.53
C ARG A 175 3.40 -3.92 0.94
N LEU A 176 2.65 -3.41 -0.03
CA LEU A 176 1.26 -3.01 0.14
C LEU A 176 0.47 -3.81 -0.90
N VAL A 177 -0.28 -4.79 -0.45
CA VAL A 177 -0.75 -5.90 -1.33
C VAL A 177 -2.26 -5.90 -1.45
N ASN A 178 -2.73 -6.01 -2.69
CA ASN A 178 -4.13 -6.32 -3.06
C ASN A 178 -4.26 -7.85 -3.11
N LEU A 179 -5.08 -8.41 -2.24
CA LEU A 179 -5.17 -9.89 -2.10
C LEU A 179 -6.08 -10.52 -3.15
N LEU A 180 -6.83 -9.74 -3.92
CA LEU A 180 -7.75 -10.26 -4.96
C LEU A 180 -8.54 -11.46 -4.41
N GLN A 181 -9.20 -11.28 -3.28
CA GLN A 181 -10.04 -12.36 -2.71
C GLN A 181 -11.52 -12.13 -2.97
N ASP A 182 -11.86 -10.98 -3.53
CA ASP A 182 -13.26 -10.63 -3.87
C ASP A 182 -13.22 -9.42 -4.81
N LYS A 183 -14.38 -8.99 -5.23
CA LYS A 183 -14.55 -7.79 -6.07
C LYS A 183 -15.53 -6.88 -5.33
N PHE A 184 -15.54 -5.57 -5.60
CA PHE A 184 -14.63 -4.83 -6.46
C PHE A 184 -13.17 -4.97 -6.01
N SER A 185 -12.26 -5.17 -6.96
CA SER A 185 -10.87 -5.56 -6.64
CA SER A 185 -10.85 -5.57 -6.67
C SER A 185 -9.87 -4.41 -6.86
N GLY A 186 -10.25 -3.18 -6.50
CA GLY A 186 -9.32 -2.06 -6.35
C GLY A 186 -9.12 -1.73 -4.89
N LEU A 187 -7.94 -1.25 -4.53
CA LEU A 187 -7.57 -0.97 -3.13
C LEU A 187 -6.67 0.26 -3.11
N ASP A 188 -6.77 1.06 -2.06
CA ASP A 188 -5.96 2.30 -1.91
C ASP A 188 -5.07 2.22 -0.66
N PHE A 189 -3.94 2.88 -0.74
CA PHE A 189 -3.02 3.08 0.40
C PHE A 189 -2.59 4.54 0.48
N ASP A 190 -2.24 5.00 1.68
CA ASP A 190 -1.66 6.35 1.82
C ASP A 190 -0.84 6.43 3.10
N ASN A 191 0.04 7.40 3.15
CA ASN A 191 0.67 7.87 4.42
C ASN A 191 1.44 6.71 5.04
N VAL A 192 2.42 6.18 4.31
CA VAL A 192 3.28 5.09 4.82
C VAL A 192 4.29 5.69 5.81
N ARG A 193 4.40 5.10 6.99
CA ARG A 193 5.33 5.51 8.04
C ARG A 193 6.02 4.27 8.63
N LEU A 194 7.30 4.37 8.91
CA LEU A 194 8.07 3.29 9.56
C LEU A 194 8.94 3.89 10.66
N THR A 195 8.81 3.39 11.88
CA THR A 195 9.65 3.88 13.00
C THR A 195 10.45 2.73 13.57
N THR A 196 11.55 3.09 14.25
CA THR A 196 12.43 2.15 14.98
CA THR A 196 12.45 2.16 14.97
C THR A 196 12.60 2.64 16.42
N GLU A 197 12.64 1.71 17.36
CA GLU A 197 12.89 2.05 18.78
C GLU A 197 13.70 0.92 19.38
N PRO A 198 14.74 1.21 20.19
CA PRO A 198 15.48 0.15 20.86
C PRO A 198 14.53 -0.54 21.83
N THR A 199 14.66 -1.85 22.03
CA THR A 199 13.90 -2.53 23.10
C THR A 199 14.55 -2.23 24.46
N GLU A 200 13.78 -2.24 25.54
CA GLU A 200 14.29 -1.92 26.90
C GLU A 200 15.26 -3.01 27.34
N 0HZ B . -10.44 1.82 -12.13
CA 0HZ B . -9.95 2.20 -13.36
CB 0HZ B . -10.90 1.50 -14.38
CG 0HZ B . -12.26 1.56 -13.58
CD 0HZ B . -11.91 1.33 -12.22
C 0HZ B . -8.48 1.80 -13.65
O 0HZ B . -8.05 1.52 -14.72
N1 0HZ B . -7.69 1.75 -12.49
CA1 0HZ B . -8.22 2.17 -11.22
C1 0HZ B . -9.62 1.73 -10.96
O1 0HZ B . -10.07 1.34 -9.93
CB1 0HZ B . -8.08 3.73 -11.05
CG1 0HZ B . -8.47 4.18 -9.61
CD1 0HZ B . -8.23 5.68 -9.49
NE 0HZ B . -8.52 6.09 -8.14
CZ 0HZ B . -8.78 7.43 -7.76
NH1 0HZ B . -8.95 7.56 -6.36
NH2 0HZ B . -8.82 8.44 -8.57
CA CA C . -1.18 11.17 0.20
#